data_4O5L
#
_entry.id   4O5L
#
_cell.length_a   69.515
_cell.length_b   77.278
_cell.length_c   81.451
_cell.angle_alpha   90.00
_cell.angle_beta   90.00
_cell.angle_gamma   90.00
#
_symmetry.space_group_name_H-M   'P 21 21 21'
#
loop_
_entity.id
_entity.type
_entity.pdbx_description
1 polymer 'Fab F045-092 light chain'
2 polymer 'Fab F045-092 heavy chain'
3 non-polymer 'PHOSPHATE ION'
4 water water
#
loop_
_entity_poly.entity_id
_entity_poly.type
_entity_poly.pdbx_seq_one_letter_code
_entity_poly.pdbx_strand_id
1 'polypeptide(L)'
;QSVLTQPPSASGTPGQSVTISCSGSRSNIGGNTVNWYQHLPGMAPKLLIYSSNQRSSGVPDRFSGSKSGTSASLAISGLQ
SEDDADYYCASWDDSLNGVVFGGGTKLTVLGQPKAAPSVTLFPPSSEELQANKATLVCLISDFYPGAVTVAWKADSSPVK
AGVETTTPSKQSNNKYAASSYLSLTPEQWKSHKSYSCQVTHEGSTVEKTVAPTECSARLGGGDYKDDDDK
;
L
2 'polypeptide(L)'
;EVQLVESGAEVKKPGSSVKVSCRASGTFYKYAINWVRQAPGQGLEWMGGIIPFFGTTNYAQKFQGRLTITADGSTNTAYM
QLDSLRSEDTAVYYCAGPSITESHYCLDCAAKDYYYGLDVWGQGTTVTVSSASTKGPSVFPLAPSSKSTSGGTAALGCLV
KDYFPEPVTVSWNSGALTSGVHTFPAVLQSSGLYSLSSVVTVPSSSLGTQTYICNVNHKPSNTKVDKKVEPKSCHHHHHH
;
H
#
# COMPACT_ATOMS: atom_id res chain seq x y z
N GLN A 1 7.69 22.43 0.66
CA GLN A 1 6.65 23.37 0.29
C GLN A 1 5.73 22.84 -0.81
N SER A 2 4.52 22.47 -0.42
CA SER A 2 3.44 22.23 -1.35
C SER A 2 2.77 23.59 -1.58
N VAL A 3 2.08 23.74 -2.71
CA VAL A 3 1.46 25.01 -3.02
C VAL A 3 0.34 25.32 -2.02
N LEU A 4 -0.41 24.30 -1.61
CA LEU A 4 -1.40 24.41 -0.54
C LEU A 4 -0.74 23.91 0.74
N THR A 5 -0.98 24.61 1.85
CA THR A 5 -0.34 24.24 3.11
C THR A 5 -1.31 23.56 4.10
N GLN A 6 -0.96 22.35 4.54
CA GLN A 6 -1.73 21.61 5.54
C GLN A 6 -0.82 21.29 6.72
N PRO A 7 -1.39 21.22 7.94
CA PRO A 7 -0.59 20.70 9.07
C PRO A 7 -0.19 19.25 8.78
N PRO A 8 1.00 18.81 9.19
CA PRO A 8 1.37 17.41 8.90
C PRO A 8 0.54 16.35 9.67
N SER A 9 -0.05 16.72 10.81
CA SER A 9 -0.72 15.74 11.68
C SER A 9 -1.95 16.32 12.36
N ALA A 10 -2.92 15.46 12.66
CA ALA A 10 -4.06 15.85 13.50
C ALA A 10 -4.43 14.62 14.30
N SER A 11 -5.10 14.80 15.43
CA SER A 11 -5.47 13.61 16.20
C SER A 11 -6.67 13.86 17.10
N GLY A 12 -7.35 12.78 17.44
CA GLY A 12 -8.41 12.76 18.43
C GLY A 12 -8.62 11.32 18.89
N THR A 13 -9.49 11.12 19.88
CA THR A 13 -9.82 9.79 20.36
C THR A 13 -11.23 9.41 19.87
N PRO A 14 -11.62 8.13 20.03
CA PRO A 14 -12.88 7.74 19.42
C PRO A 14 -14.08 8.57 19.90
N GLY A 15 -14.89 9.00 18.93
CA GLY A 15 -16.07 9.79 19.19
C GLY A 15 -15.80 11.29 19.25
N GLN A 16 -14.53 11.66 19.25
CA GLN A 16 -14.17 13.07 19.25
C GLN A 16 -14.30 13.66 17.84
N SER A 17 -13.94 14.92 17.68
CA SER A 17 -13.92 15.58 16.39
C SER A 17 -12.61 16.33 16.16
N VAL A 18 -12.32 16.60 14.89
CA VAL A 18 -11.15 17.37 14.49
C VAL A 18 -11.48 18.26 13.30
N THR A 19 -10.69 19.32 13.09
CA THR A 19 -10.77 20.10 11.85
C THR A 19 -9.36 20.21 11.29
N ILE A 20 -9.22 19.94 9.99
CA ILE A 20 -7.93 19.98 9.31
C ILE A 20 -7.96 21.16 8.34
N SER A 21 -6.96 22.05 8.41
CA SER A 21 -6.99 23.28 7.59
C SER A 21 -6.15 23.12 6.30
N CYS A 22 -6.38 24.01 5.36
CA CYS A 22 -5.70 23.96 4.06
C CYS A 22 -5.57 25.41 3.61
N SER A 23 -4.36 25.92 3.47
CA SER A 23 -4.22 27.35 3.21
CA SER A 23 -4.23 27.35 3.19
C SER A 23 -3.60 27.57 1.84
N GLY A 24 -4.20 28.47 1.05
CA GLY A 24 -3.70 28.77 -0.27
C GLY A 24 -3.63 30.26 -0.58
N SER A 25 -3.95 30.60 -1.83
CA SER A 25 -3.79 31.95 -2.32
C SER A 25 -4.88 32.30 -3.30
N ARG A 26 -4.91 33.56 -3.70
CA ARG A 26 -5.89 34.06 -4.67
C ARG A 26 -5.97 33.20 -5.92
N SER A 27 -4.80 32.76 -6.39
CA SER A 27 -4.75 32.03 -7.65
C SER A 27 -5.32 30.62 -7.59
N ASN A 28 -5.33 30.02 -6.40
CA ASN A 28 -5.93 28.70 -6.26
C ASN A 28 -7.24 28.74 -5.44
N ILE A 29 -7.17 28.55 -4.12
CA ILE A 29 -8.38 28.52 -3.28
C ILE A 29 -9.23 29.79 -3.39
N GLY A 30 -8.57 30.95 -3.52
CA GLY A 30 -9.26 32.23 -3.67
C GLY A 30 -10.28 32.29 -4.80
N GLY A 31 -10.00 31.58 -5.90
CA GLY A 31 -10.84 31.63 -7.08
C GLY A 31 -11.38 30.29 -7.58
N ASN A 32 -11.26 29.24 -6.78
CA ASN A 32 -11.57 27.87 -7.22
C ASN A 32 -12.15 27.05 -6.11
N THR A 33 -12.91 26.02 -6.47
CA THR A 33 -13.47 25.16 -5.45
C THR A 33 -12.39 24.22 -4.93
N VAL A 34 -12.63 23.69 -3.74
CA VAL A 34 -11.70 22.78 -3.11
C VAL A 34 -12.22 21.34 -3.06
N ASN A 35 -11.33 20.39 -3.36
CA ASN A 35 -11.59 18.94 -3.21
C ASN A 35 -10.80 18.38 -2.04
N TRP A 36 -11.37 17.39 -1.33
CA TRP A 36 -10.67 16.69 -0.27
C TRP A 36 -10.66 15.20 -0.53
N TYR A 37 -9.48 14.59 -0.38
CA TYR A 37 -9.30 13.16 -0.57
C TYR A 37 -8.85 12.47 0.71
N GLN A 38 -9.35 11.26 0.93
CA GLN A 38 -8.86 10.34 1.95
C GLN A 38 -7.96 9.28 1.31
N HIS A 39 -6.85 8.95 1.95
CA HIS A 39 -5.94 7.98 1.36
C HIS A 39 -5.47 6.99 2.41
N LEU A 40 -5.84 5.73 2.21
CA LEU A 40 -5.48 4.62 3.09
C LEU A 40 -4.34 3.80 2.48
N PRO A 41 -3.52 3.22 3.36
CA PRO A 41 -2.47 2.31 2.91
C PRO A 41 -3.01 1.23 1.95
N GLY A 42 -2.32 1.09 0.83
CA GLY A 42 -2.59 0.01 -0.10
C GLY A 42 -3.61 0.28 -1.20
N MET A 43 -4.48 1.27 -1.00
CA MET A 43 -5.55 1.52 -1.96
C MET A 43 -5.50 2.90 -2.62
N ALA A 44 -6.29 3.08 -3.68
CA ALA A 44 -6.37 4.37 -4.32
C ALA A 44 -6.97 5.41 -3.38
N PRO A 45 -6.63 6.69 -3.57
CA PRO A 45 -7.34 7.76 -2.87
C PRO A 45 -8.83 7.75 -3.14
N LYS A 46 -9.59 8.31 -2.22
CA LYS A 46 -11.05 8.44 -2.34
C LYS A 46 -11.50 9.89 -2.18
N LEU A 47 -12.36 10.34 -3.09
CA LEU A 47 -12.94 11.67 -2.98
C LEU A 47 -13.96 11.77 -1.83
N LEU A 48 -13.74 12.70 -0.89
CA LEU A 48 -14.73 12.92 0.19
C LEU A 48 -15.60 14.14 -0.05
N ILE A 49 -14.97 15.24 -0.46
CA ILE A 49 -15.64 16.53 -0.60
C ILE A 49 -15.25 17.15 -1.96
N TYR A 50 -16.23 17.70 -2.67
CA TYR A 50 -15.93 18.48 -3.87
C TYR A 50 -16.72 19.79 -3.83
N SER A 51 -16.40 20.74 -4.72
CA SER A 51 -17.10 22.02 -4.72
CA SER A 51 -17.10 22.02 -4.73
C SER A 51 -17.08 22.67 -3.34
N SER A 52 -15.96 22.44 -2.64
CA SER A 52 -15.65 22.97 -1.31
C SER A 52 -16.49 22.43 -0.15
N ASN A 53 -17.79 22.22 -0.37
CA ASN A 53 -18.65 21.84 0.73
C ASN A 53 -19.66 20.74 0.42
N GLN A 54 -19.48 20.08 -0.72
CA GLN A 54 -20.40 19.00 -1.12
C GLN A 54 -19.81 17.61 -0.84
N ARG A 55 -20.59 16.73 -0.22
N ARG A 55 -20.60 16.74 -0.24
CA ARG A 55 -20.11 15.37 0.04
CA ARG A 55 -20.13 15.38 0.06
C ARG A 55 -20.28 14.47 -1.15
C ARG A 55 -20.29 14.44 -1.14
N SER A 56 -19.24 13.71 -1.48
CA SER A 56 -19.33 12.69 -2.52
CA SER A 56 -19.34 12.66 -2.49
C SER A 56 -20.32 11.60 -2.09
N SER A 57 -20.90 10.95 -3.10
CA SER A 57 -21.87 9.88 -2.89
C SER A 57 -21.41 8.88 -1.86
N GLY A 58 -22.27 8.58 -0.89
CA GLY A 58 -21.98 7.59 0.13
C GLY A 58 -21.15 8.02 1.33
N VAL A 59 -20.61 9.23 1.31
CA VAL A 59 -19.77 9.72 2.41
CA VAL A 59 -19.80 9.63 2.44
C VAL A 59 -20.68 10.22 3.54
N PRO A 60 -20.44 9.76 4.77
CA PRO A 60 -21.35 10.19 5.86
C PRO A 60 -21.24 11.67 6.23
N ASP A 61 -22.31 12.20 6.82
N ASP A 61 -22.33 12.19 6.81
CA ASP A 61 -22.37 13.64 7.03
CA ASP A 61 -22.48 13.61 7.16
C ASP A 61 -21.50 14.11 8.19
C ASP A 61 -21.39 14.11 8.10
N ARG A 62 -20.81 13.19 8.86
CA ARG A 62 -19.81 13.58 9.84
C ARG A 62 -18.52 14.13 9.19
N PHE A 63 -18.36 13.92 7.88
CA PHE A 63 -17.33 14.65 7.14
C PHE A 63 -17.94 15.91 6.52
N SER A 64 -17.36 17.07 6.78
CA SER A 64 -17.87 18.29 6.19
CA SER A 64 -17.89 18.31 6.22
C SER A 64 -16.76 19.23 5.75
N GLY A 65 -16.96 19.92 4.63
CA GLY A 65 -15.95 20.83 4.09
C GLY A 65 -16.45 22.26 4.05
N SER A 66 -15.50 23.20 4.19
CA SER A 66 -15.85 24.59 4.04
C SER A 66 -14.67 25.37 3.49
N LYS A 67 -14.97 26.57 2.97
CA LYS A 67 -13.95 27.46 2.41
C LYS A 67 -14.37 28.90 2.59
N SER A 68 -13.40 29.75 2.86
CA SER A 68 -13.65 31.18 2.77
C SER A 68 -12.34 31.90 2.50
N GLY A 69 -12.41 32.92 1.65
CA GLY A 69 -11.22 33.64 1.24
C GLY A 69 -10.26 32.66 0.61
N THR A 70 -9.08 32.52 1.23
CA THR A 70 -8.03 31.67 0.65
C THR A 70 -7.66 30.46 1.53
N SER A 71 -8.54 30.09 2.45
CA SER A 71 -8.30 28.91 3.25
CA SER A 71 -8.30 28.90 3.26
C SER A 71 -9.53 27.98 3.26
N ALA A 72 -9.27 26.70 3.42
CA ALA A 72 -10.36 25.70 3.43
C ALA A 72 -10.22 24.80 4.66
N SER A 73 -11.28 24.09 5.04
CA SER A 73 -11.27 23.19 6.20
CA SER A 73 -11.16 23.12 6.12
C SER A 73 -12.01 21.88 5.93
N LEU A 74 -11.51 20.78 6.47
CA LEU A 74 -12.24 19.52 6.49
C LEU A 74 -12.50 19.19 7.96
N ALA A 75 -13.78 19.08 8.33
CA ALA A 75 -14.16 18.75 9.71
C ALA A 75 -14.65 17.30 9.76
N ILE A 76 -14.21 16.54 10.76
CA ILE A 76 -14.58 15.14 10.91
C ILE A 76 -15.07 14.92 12.33
N SER A 77 -16.33 14.55 12.50
CA SER A 77 -16.84 14.28 13.85
C SER A 77 -17.09 12.78 14.06
N GLY A 78 -17.35 12.39 15.29
CA GLY A 78 -17.67 10.98 15.54
C GLY A 78 -16.52 10.06 15.15
N LEU A 79 -15.31 10.46 15.48
CA LEU A 79 -14.12 9.76 15.01
C LEU A 79 -14.13 8.26 15.32
N GLN A 80 -13.80 7.50 14.29
CA GLN A 80 -13.69 6.05 14.37
C GLN A 80 -12.30 5.61 13.95
N SER A 81 -11.90 4.43 14.42
CA SER A 81 -10.64 3.81 14.04
C SER A 81 -10.36 3.86 12.55
N GLU A 82 -11.38 3.57 11.74
CA GLU A 82 -11.16 3.53 10.30
C GLU A 82 -10.88 4.90 9.68
N ASP A 83 -11.01 5.97 10.48
CA ASP A 83 -10.70 7.32 9.98
C ASP A 83 -9.17 7.60 9.97
N ASP A 84 -8.39 6.73 10.60
CA ASP A 84 -6.93 6.81 10.57
CA ASP A 84 -6.92 6.80 10.56
C ASP A 84 -6.45 6.71 9.11
N ALA A 85 -5.89 7.80 8.59
CA ALA A 85 -5.59 7.91 7.17
C ALA A 85 -4.90 9.23 6.88
N ASP A 86 -4.44 9.43 5.64
CA ASP A 86 -3.94 10.73 5.20
C ASP A 86 -5.07 11.45 4.49
N TYR A 87 -5.16 12.77 4.71
CA TYR A 87 -6.17 13.59 4.08
C TYR A 87 -5.51 14.72 3.30
N TYR A 88 -5.92 14.89 2.03
CA TYR A 88 -5.34 15.89 1.14
C TYR A 88 -6.39 16.87 0.65
N CYS A 89 -6.06 18.16 0.64
CA CYS A 89 -6.88 19.12 -0.10
C CYS A 89 -6.25 19.30 -1.51
N ALA A 90 -7.06 19.73 -2.46
CA ALA A 90 -6.58 20.03 -3.80
C ALA A 90 -7.47 21.10 -4.44
N SER A 91 -6.92 21.82 -5.42
CA SER A 91 -7.73 22.74 -6.21
CA SER A 91 -7.64 22.88 -6.12
C SER A 91 -7.02 23.06 -7.51
N TRP A 92 -7.74 23.71 -8.43
CA TRP A 92 -7.09 24.24 -9.64
C TRP A 92 -6.28 25.48 -9.26
N ASP A 93 -5.19 25.74 -9.97
CA ASP A 93 -4.44 26.98 -9.78
C ASP A 93 -4.36 27.74 -11.12
N ASP A 94 -4.88 28.96 -11.13
CA ASP A 94 -4.98 29.75 -12.36
C ASP A 94 -3.65 30.32 -12.82
N SER A 95 -2.66 30.38 -11.94
CA SER A 95 -1.36 30.87 -12.39
C SER A 95 -0.53 29.74 -13.00
N LEU A 96 -0.63 28.55 -12.39
CA LEU A 96 0.07 27.36 -12.88
C LEU A 96 -0.67 26.64 -14.01
N ASN A 97 -1.96 26.91 -14.18
CA ASN A 97 -2.78 26.18 -15.15
C ASN A 97 -2.72 24.68 -14.90
N GLY A 98 -3.04 24.27 -13.69
CA GLY A 98 -2.98 22.86 -13.38
C GLY A 98 -3.54 22.64 -11.99
N VAL A 99 -3.66 21.37 -11.60
CA VAL A 99 -4.15 21.01 -10.27
C VAL A 99 -3.03 21.06 -9.23
N VAL A 100 -3.32 21.60 -8.04
CA VAL A 100 -2.33 21.59 -6.97
C VAL A 100 -2.89 20.83 -5.77
N PHE A 101 -2.00 20.11 -5.07
CA PHE A 101 -2.34 19.38 -3.85
C PHE A 101 -1.67 19.97 -2.62
N GLY A 102 -2.34 19.87 -1.49
CA GLY A 102 -1.63 20.08 -0.23
C GLY A 102 -0.69 18.93 0.09
N GLY A 103 0.14 19.08 1.12
CA GLY A 103 1.10 18.04 1.49
C GLY A 103 0.54 16.82 2.20
N GLY A 104 -0.72 16.91 2.63
CA GLY A 104 -1.39 15.85 3.39
C GLY A 104 -1.31 16.05 4.91
N THR A 105 -2.35 15.61 5.60
CA THR A 105 -2.36 15.56 7.05
C THR A 105 -2.62 14.12 7.46
N LYS A 106 -1.73 13.58 8.29
CA LYS A 106 -1.92 12.25 8.85
C LYS A 106 -2.81 12.36 10.09
N LEU A 107 -4.01 11.83 10.02
CA LEU A 107 -4.93 11.78 11.16
C LEU A 107 -4.71 10.49 11.90
N THR A 108 -4.48 10.59 13.20
CA THR A 108 -4.35 9.40 14.03
C THR A 108 -5.49 9.38 15.04
N VAL A 109 -6.21 8.28 15.10
CA VAL A 109 -7.21 8.14 16.14
C VAL A 109 -6.57 7.38 17.30
N LEU A 110 -6.19 8.13 18.33
CA LEU A 110 -5.53 7.56 19.50
C LEU A 110 -6.56 7.06 20.48
N GLY A 111 -6.11 6.55 21.62
CA GLY A 111 -7.03 6.11 22.65
C GLY A 111 -7.79 4.84 22.32
N GLN A 112 -7.33 4.09 21.32
CA GLN A 112 -7.90 2.78 21.07
C GLN A 112 -7.47 1.80 22.17
N PRO A 113 -8.18 0.67 22.29
CA PRO A 113 -7.81 -0.28 23.36
C PRO A 113 -6.42 -0.85 23.18
N LYS A 114 -5.64 -0.86 24.26
CA LYS A 114 -4.33 -1.51 24.22
C LYS A 114 -4.52 -3.00 23.93
N ALA A 115 -3.70 -3.53 23.02
CA ALA A 115 -3.77 -4.95 22.70
C ALA A 115 -2.37 -5.55 22.56
N ALA A 116 -2.13 -6.63 23.30
CA ALA A 116 -0.84 -7.33 23.26
C ALA A 116 -0.70 -8.10 21.95
N PRO A 117 0.54 -8.24 21.46
CA PRO A 117 0.72 -8.95 20.20
C PRO A 117 0.52 -10.46 20.29
N SER A 118 0.04 -11.02 19.19
CA SER A 118 0.02 -12.46 18.98
CA SER A 118 0.00 -12.45 18.99
C SER A 118 1.25 -12.79 18.17
N VAL A 119 1.94 -13.86 18.57
CA VAL A 119 3.20 -14.21 17.91
C VAL A 119 3.17 -15.66 17.41
N THR A 120 3.59 -15.85 16.15
CA THR A 120 3.76 -17.19 15.59
C THR A 120 5.19 -17.28 15.10
N LEU A 121 5.84 -18.38 15.49
CA LEU A 121 7.24 -18.60 15.08
C LEU A 121 7.38 -19.93 14.32
N PHE A 122 7.97 -19.85 13.12
CA PHE A 122 8.23 -21.02 12.29
C PHE A 122 9.73 -21.34 12.19
N PRO A 123 10.06 -22.63 12.24
CA PRO A 123 11.45 -23.06 12.01
C PRO A 123 11.79 -23.09 10.50
N PRO A 124 13.07 -23.29 10.13
CA PRO A 124 13.42 -23.51 8.72
C PRO A 124 12.68 -24.73 8.17
N SER A 125 12.26 -24.66 6.91
CA SER A 125 11.71 -25.81 6.21
C SER A 125 12.83 -26.77 5.81
N SER A 126 12.48 -28.05 5.65
CA SER A 126 13.42 -29.05 5.14
C SER A 126 13.96 -28.63 3.78
N GLU A 127 13.09 -28.06 2.95
CA GLU A 127 13.50 -27.62 1.62
C GLU A 127 14.64 -26.58 1.70
N GLU A 128 14.48 -25.59 2.57
CA GLU A 128 15.47 -24.53 2.69
C GLU A 128 16.79 -25.09 3.21
N LEU A 129 16.71 -25.94 4.24
CA LEU A 129 17.90 -26.62 4.77
C LEU A 129 18.68 -27.39 3.70
N GLN A 130 17.96 -28.06 2.80
CA GLN A 130 18.60 -28.76 1.69
C GLN A 130 19.34 -27.83 0.70
N ALA A 131 18.92 -26.57 0.64
CA ALA A 131 19.62 -25.56 -0.16
C ALA A 131 20.68 -24.80 0.65
N ASN A 132 21.10 -25.39 1.78
CA ASN A 132 22.20 -24.85 2.57
C ASN A 132 21.91 -23.47 3.15
N LYS A 133 20.65 -23.21 3.48
CA LYS A 133 20.23 -21.98 4.14
C LYS A 133 19.23 -22.29 5.25
N ALA A 134 18.91 -21.31 6.09
CA ALA A 134 17.96 -21.48 7.18
C ALA A 134 17.44 -20.13 7.64
N THR A 135 16.11 -19.96 7.60
CA THR A 135 15.45 -18.75 8.02
C THR A 135 14.38 -19.08 9.06
N LEU A 136 14.46 -18.43 10.22
CA LEU A 136 13.38 -18.51 11.20
C LEU A 136 12.46 -17.31 11.00
N VAL A 137 11.15 -17.52 11.14
CA VAL A 137 10.16 -16.53 10.73
C VAL A 137 9.23 -16.22 11.91
N CYS A 138 9.27 -14.97 12.37
CA CYS A 138 8.51 -14.55 13.57
C CYS A 138 7.46 -13.52 13.14
N LEU A 139 6.18 -13.92 13.19
CA LEU A 139 5.09 -13.10 12.68
C LEU A 139 4.30 -12.55 13.87
N ILE A 140 4.10 -11.23 13.87
CA ILE A 140 3.57 -10.54 15.05
C ILE A 140 2.32 -9.79 14.64
N SER A 141 1.19 -10.06 15.28
CA SER A 141 -0.06 -9.48 14.79
CA SER A 141 -0.11 -9.58 14.79
C SER A 141 -0.97 -8.99 15.90
N ASP A 142 -1.98 -8.23 15.50
CA ASP A 142 -3.06 -7.79 16.39
C ASP A 142 -2.63 -6.92 17.59
N PHE A 143 -1.56 -6.12 17.45
CA PHE A 143 -1.16 -5.28 18.58
C PHE A 143 -1.55 -3.80 18.45
N TYR A 144 -1.70 -3.14 19.60
CA TYR A 144 -1.94 -1.70 19.65
C TYR A 144 -1.47 -1.18 21.01
N PRO A 145 -0.72 -0.06 21.04
CA PRO A 145 -0.27 0.75 19.89
C PRO A 145 0.72 0.05 18.96
N GLY A 146 1.00 0.69 17.82
CA GLY A 146 1.78 0.09 16.75
C GLY A 146 3.28 0.22 16.90
N ALA A 147 3.82 -0.28 18.00
CA ALA A 147 5.26 -0.23 18.23
C ALA A 147 5.71 -1.49 18.96
N VAL A 148 6.68 -2.22 18.40
CA VAL A 148 7.29 -3.35 19.09
C VAL A 148 8.81 -3.37 18.90
N THR A 149 9.49 -4.10 19.77
CA THR A 149 10.87 -4.48 19.53
C THR A 149 11.03 -6.01 19.58
N VAL A 150 11.97 -6.52 18.80
CA VAL A 150 12.15 -7.96 18.70
C VAL A 150 13.57 -8.38 19.02
N ALA A 151 13.70 -9.38 19.88
CA ALA A 151 15.00 -9.95 20.22
C ALA A 151 14.99 -11.43 19.87
N TRP A 152 16.15 -11.96 19.49
CA TRP A 152 16.26 -13.39 19.21
C TRP A 152 17.27 -14.08 20.12
N LYS A 153 17.04 -15.34 20.45
CA LYS A 153 17.97 -16.10 21.26
C LYS A 153 18.27 -17.46 20.66
N ALA A 154 19.52 -17.91 20.79
CA ALA A 154 19.92 -19.29 20.50
C ALA A 154 20.10 -19.91 21.87
N ASP A 155 19.27 -20.92 22.16
CA ASP A 155 19.12 -21.41 23.52
C ASP A 155 18.76 -20.22 24.39
N SER A 156 19.62 -19.85 25.34
CA SER A 156 19.36 -18.62 26.11
C SER A 156 20.27 -17.44 25.72
N SER A 157 21.12 -17.63 24.72
CA SER A 157 22.07 -16.61 24.28
C SER A 157 21.51 -15.68 23.19
N PRO A 158 21.63 -14.38 23.39
CA PRO A 158 21.18 -13.36 22.44
C PRO A 158 21.90 -13.51 21.09
N VAL A 159 21.13 -13.42 20.00
CA VAL A 159 21.66 -13.43 18.64
C VAL A 159 21.27 -12.10 18.00
N LYS A 160 22.27 -11.31 17.59
CA LYS A 160 21.99 -10.00 16.97
C LYS A 160 22.16 -9.97 15.45
N ALA A 161 23.11 -10.75 14.94
CA ALA A 161 23.40 -10.77 13.52
C ALA A 161 22.35 -11.54 12.72
N GLY A 162 22.16 -11.15 11.47
CA GLY A 162 21.28 -11.88 10.57
C GLY A 162 19.80 -11.64 10.84
N VAL A 163 19.48 -10.53 11.51
CA VAL A 163 18.10 -10.20 11.87
C VAL A 163 17.55 -9.14 10.93
N GLU A 164 16.32 -9.35 10.46
CA GLU A 164 15.64 -8.37 9.60
C GLU A 164 14.23 -8.16 10.14
N THR A 165 13.90 -6.93 10.55
CA THR A 165 12.61 -6.67 11.20
C THR A 165 11.87 -5.52 10.55
N THR A 166 10.58 -5.70 10.28
CA THR A 166 9.84 -4.64 9.60
C THR A 166 9.44 -3.51 10.57
N THR A 167 9.09 -2.37 10.00
CA THR A 167 8.32 -1.37 10.76
C THR A 167 6.89 -1.88 10.89
N PRO A 168 6.20 -1.51 11.96
CA PRO A 168 4.80 -1.96 12.07
C PRO A 168 3.87 -1.34 11.04
N SER A 169 2.84 -2.09 10.63
CA SER A 169 1.84 -1.62 9.66
CA SER A 169 1.84 -1.62 9.67
C SER A 169 0.42 -1.92 10.14
N LYS A 170 -0.52 -1.05 9.76
CA LYS A 170 -1.94 -1.23 10.09
C LYS A 170 -2.54 -2.43 9.36
N GLN A 171 -3.21 -3.28 10.11
CA GLN A 171 -4.01 -4.37 9.53
C GLN A 171 -5.38 -3.84 9.17
N SER A 172 -6.18 -4.66 8.49
CA SER A 172 -7.51 -4.24 8.07
C SER A 172 -8.43 -4.04 9.28
N ASN A 173 -8.07 -4.64 10.42
CA ASN A 173 -8.87 -4.45 11.62
C ASN A 173 -8.38 -3.31 12.50
N ASN A 174 -7.50 -2.48 11.95
CA ASN A 174 -6.91 -1.32 12.63
C ASN A 174 -5.99 -1.58 13.82
N LYS A 175 -5.66 -2.84 14.07
CA LYS A 175 -4.52 -3.16 14.91
C LYS A 175 -3.27 -3.27 14.02
N TYR A 176 -2.12 -3.59 14.60
CA TYR A 176 -0.88 -3.54 13.84
C TYR A 176 -0.20 -4.90 13.68
N ALA A 177 0.62 -5.02 12.65
CA ALA A 177 1.41 -6.24 12.39
C ALA A 177 2.86 -5.90 12.11
N ALA A 178 3.74 -6.86 12.37
CA ALA A 178 5.17 -6.73 12.01
C ALA A 178 5.75 -8.13 11.80
N SER A 179 6.92 -8.22 11.18
CA SER A 179 7.61 -9.49 10.98
CA SER A 179 7.59 -9.50 11.10
C SER A 179 9.08 -9.37 11.33
N SER A 180 9.69 -10.47 11.79
CA SER A 180 11.13 -10.51 12.01
C SER A 180 11.68 -11.85 11.48
N TYR A 181 12.84 -11.77 10.83
CA TYR A 181 13.44 -12.94 10.22
C TYR A 181 14.85 -13.13 10.75
N LEU A 182 15.21 -14.35 11.13
CA LEU A 182 16.59 -14.63 11.53
C LEU A 182 17.24 -15.59 10.53
N SER A 183 18.36 -15.17 9.95
CA SER A 183 19.14 -16.03 9.05
C SER A 183 20.24 -16.80 9.81
N LEU A 184 20.29 -18.12 9.61
CA LEU A 184 21.28 -18.99 10.25
C LEU A 184 21.91 -19.89 9.20
N THR A 185 23.04 -20.50 9.53
CA THR A 185 23.50 -21.65 8.73
C THR A 185 22.74 -22.87 9.23
N PRO A 186 22.59 -23.89 8.39
CA PRO A 186 21.96 -25.13 8.84
C PRO A 186 22.70 -25.73 10.05
N GLU A 187 24.02 -25.58 10.04
CA GLU A 187 24.84 -26.09 11.13
C GLU A 187 24.49 -25.41 12.47
N GLN A 188 24.28 -24.09 12.43
CA GLN A 188 23.88 -23.38 13.65
C GLN A 188 22.52 -23.85 14.14
N TRP A 189 21.57 -23.94 13.22
CA TRP A 189 20.21 -24.37 13.55
C TRP A 189 20.20 -25.74 14.24
N LYS A 190 20.97 -26.69 13.72
CA LYS A 190 20.91 -28.06 14.24
C LYS A 190 21.71 -28.25 15.52
N SER A 191 22.58 -27.29 15.83
CA SER A 191 23.51 -27.48 16.94
C SER A 191 22.95 -26.97 18.28
N HIS A 192 21.81 -26.30 18.25
CA HIS A 192 21.22 -25.73 19.46
C HIS A 192 19.98 -26.53 19.87
N LYS A 193 19.65 -26.45 21.16
CA LYS A 193 18.44 -27.10 21.64
C LYS A 193 17.22 -26.40 21.08
N SER A 194 17.28 -25.08 21.00
CA SER A 194 16.16 -24.30 20.49
C SER A 194 16.56 -22.88 20.14
N TYR A 195 15.67 -22.19 19.44
CA TYR A 195 15.78 -20.75 19.21
C TYR A 195 14.48 -20.09 19.65
N SER A 196 14.55 -18.82 20.05
CA SER A 196 13.36 -18.07 20.49
C SER A 196 13.27 -16.67 19.88
N CYS A 197 12.03 -16.24 19.60
CA CYS A 197 11.73 -14.87 19.18
C CYS A 197 11.00 -14.23 20.36
N GLN A 198 11.55 -13.12 20.86
CA GLN A 198 10.99 -12.42 22.02
C GLN A 198 10.48 -11.06 21.59
N VAL A 199 9.18 -10.81 21.78
CA VAL A 199 8.58 -9.58 21.27
C VAL A 199 8.19 -8.70 22.45
N THR A 200 8.71 -7.46 22.47
CA THR A 200 8.39 -6.54 23.59
C THR A 200 7.44 -5.47 23.10
N HIS A 201 6.33 -5.29 23.82
CA HIS A 201 5.32 -4.31 23.46
C HIS A 201 4.95 -3.58 24.74
N GLU A 202 5.16 -2.25 24.74
CA GLU A 202 4.88 -1.41 25.91
C GLU A 202 5.43 -2.05 27.20
N GLY A 203 6.69 -2.51 27.11
CA GLY A 203 7.41 -3.01 28.27
C GLY A 203 7.15 -4.45 28.64
N SER A 204 6.21 -5.11 27.95
CA SER A 204 5.88 -6.48 28.28
CA SER A 204 5.86 -6.49 28.26
C SER A 204 6.38 -7.42 27.17
N THR A 205 7.15 -8.42 27.56
CA THR A 205 7.81 -9.28 26.55
C THR A 205 7.25 -10.67 26.54
N VAL A 206 6.78 -11.13 25.38
CA VAL A 206 6.31 -12.50 25.21
C VAL A 206 7.13 -13.21 24.16
N GLU A 207 7.09 -14.54 24.18
CA GLU A 207 8.00 -15.25 23.32
C GLU A 207 7.43 -16.55 22.81
N LYS A 208 8.02 -16.99 21.69
CA LYS A 208 7.78 -18.32 21.17
C LYS A 208 9.14 -18.95 20.95
N THR A 209 9.18 -20.28 21.03
CA THR A 209 10.39 -21.07 20.87
C THR A 209 10.16 -22.24 19.91
N VAL A 210 11.13 -22.48 19.03
CA VAL A 210 11.11 -23.67 18.16
C VAL A 210 12.39 -24.48 18.27
N ALA A 211 12.32 -25.78 17.95
CA ALA A 211 13.47 -26.66 18.05
C ALA A 211 13.58 -27.52 16.79
N PRO A 212 14.81 -27.93 16.43
CA PRO A 212 15.09 -28.71 15.21
C PRO A 212 14.37 -30.05 15.14
N THR A 213 14.04 -30.61 16.30
CA THR A 213 13.52 -31.96 16.37
C THR A 213 12.01 -32.01 16.56
N GLU A 214 11.34 -30.91 16.21
CA GLU A 214 9.87 -30.85 16.27
C GLU A 214 9.27 -31.35 14.96
N CYS A 215 8.15 -32.08 15.07
CA CYS A 215 7.47 -32.63 13.91
C CYS A 215 6.07 -33.11 14.29
N GLU B 1 -19.61 5.23 -12.72
CA GLU B 1 -20.20 4.17 -13.55
C GLU B 1 -19.10 3.38 -14.25
N VAL B 2 -18.22 4.08 -14.95
CA VAL B 2 -17.10 3.48 -15.63
C VAL B 2 -16.03 2.99 -14.63
N GLN B 3 -15.34 1.89 -14.95
CA GLN B 3 -14.19 1.47 -14.16
C GLN B 3 -12.93 1.65 -14.98
N LEU B 4 -11.81 1.91 -14.30
CA LEU B 4 -10.51 2.19 -14.89
C LEU B 4 -9.54 1.10 -14.45
N VAL B 5 -8.89 0.47 -15.41
CA VAL B 5 -7.92 -0.59 -15.10
C VAL B 5 -6.58 -0.27 -15.73
N GLU B 6 -5.53 -0.21 -14.91
CA GLU B 6 -4.20 0.08 -15.38
C GLU B 6 -3.39 -1.18 -15.64
N SER B 7 -2.34 -1.00 -16.45
CA SER B 7 -1.39 -2.05 -16.79
C SER B 7 -0.57 -2.46 -15.57
N GLY B 8 0.18 -3.55 -15.72
CA GLY B 8 0.86 -4.20 -14.60
C GLY B 8 2.13 -3.53 -14.16
N ALA B 9 2.67 -4.02 -13.04
CA ALA B 9 3.90 -3.52 -12.45
C ALA B 9 5.05 -3.54 -13.43
N GLU B 10 5.91 -2.54 -13.30
CA GLU B 10 7.02 -2.31 -14.22
C GLU B 10 8.30 -2.08 -13.44
N VAL B 11 9.43 -2.44 -14.04
CA VAL B 11 10.73 -2.13 -13.47
C VAL B 11 11.65 -1.61 -14.58
N LYS B 12 12.27 -0.46 -14.34
CA LYS B 12 12.99 0.27 -15.39
C LYS B 12 14.36 0.75 -14.93
N LYS B 13 15.35 0.76 -15.82
CA LYS B 13 16.67 1.29 -15.49
C LYS B 13 16.60 2.82 -15.56
N PRO B 14 17.46 3.48 -14.78
CA PRO B 14 17.51 4.95 -14.92
C PRO B 14 17.81 5.37 -16.36
N GLY B 15 17.11 6.42 -16.81
CA GLY B 15 17.35 6.99 -18.13
C GLY B 15 16.38 6.47 -19.17
N SER B 16 15.70 5.37 -18.82
CA SER B 16 14.74 4.75 -19.72
C SER B 16 13.37 5.42 -19.63
N SER B 17 12.41 4.87 -20.38
CA SER B 17 11.06 5.39 -20.44
CA SER B 17 11.05 5.39 -20.42
C SER B 17 10.05 4.35 -19.96
N VAL B 18 8.97 4.81 -19.33
CA VAL B 18 7.89 3.90 -18.96
C VAL B 18 6.58 4.42 -19.55
N LYS B 19 5.72 3.49 -19.96
CA LYS B 19 4.39 3.83 -20.40
C LYS B 19 3.38 3.01 -19.62
N VAL B 20 2.43 3.69 -19.00
CA VAL B 20 1.37 3.03 -18.26
C VAL B 20 0.02 3.28 -18.95
N SER B 21 -0.79 2.23 -19.13
CA SER B 21 -2.09 2.39 -19.77
C SER B 21 -3.22 2.43 -18.70
N CYS B 22 -4.36 2.99 -19.11
CA CYS B 22 -5.52 3.19 -18.24
C CYS B 22 -6.77 2.97 -19.08
N ARG B 23 -7.31 1.75 -19.04
CA ARG B 23 -8.45 1.37 -19.90
C ARG B 23 -9.78 1.55 -19.15
N ALA B 24 -10.68 2.35 -19.72
CA ALA B 24 -12.01 2.50 -19.15
C ALA B 24 -12.95 1.43 -19.69
N SER B 25 -13.94 1.04 -18.88
CA SER B 25 -14.90 0.02 -19.24
C SER B 25 -16.00 0.49 -20.21
N GLY B 26 -16.05 1.80 -20.46
CA GLY B 26 -16.93 2.34 -21.49
C GLY B 26 -16.43 3.71 -21.92
N THR B 27 -17.22 4.41 -22.72
CA THR B 27 -16.88 5.77 -23.16
C THR B 27 -16.51 6.65 -21.97
N PHE B 28 -15.43 7.41 -22.11
CA PHE B 28 -14.94 8.24 -21.01
C PHE B 28 -14.09 9.32 -21.68
N TYR B 29 -14.78 10.25 -22.35
CA TYR B 29 -14.13 11.10 -23.35
C TYR B 29 -14.25 12.59 -23.05
N LYS B 30 -15.24 12.97 -22.25
CA LYS B 30 -15.64 14.38 -22.15
C LYS B 30 -14.87 15.19 -21.13
N TYR B 31 -14.41 14.53 -20.06
CA TYR B 31 -13.80 15.27 -18.93
C TYR B 31 -12.36 14.86 -18.70
N ALA B 32 -11.61 15.67 -17.96
CA ALA B 32 -10.19 15.45 -17.87
C ALA B 32 -9.83 14.17 -17.12
N ILE B 33 -9.03 13.34 -17.80
CA ILE B 33 -8.41 12.18 -17.19
C ILE B 33 -7.08 12.63 -16.60
N ASN B 34 -6.96 12.52 -15.27
CA ASN B 34 -5.77 13.01 -14.56
C ASN B 34 -4.82 11.87 -14.22
N TRP B 35 -3.53 12.19 -14.12
CA TRP B 35 -2.54 11.23 -13.64
C TRP B 35 -1.92 11.78 -12.36
N VAL B 36 -1.90 10.94 -11.32
CA VAL B 36 -1.43 11.33 -10.00
C VAL B 36 -0.56 10.20 -9.46
N ARG B 37 0.58 10.53 -8.87
CA ARG B 37 1.46 9.49 -8.35
C ARG B 37 1.74 9.68 -6.87
N GLN B 38 2.25 8.61 -6.25
CA GLN B 38 2.75 8.69 -4.88
C GLN B 38 4.07 7.92 -4.74
N ALA B 39 5.15 8.67 -4.50
CA ALA B 39 6.47 8.10 -4.21
C ALA B 39 6.52 7.65 -2.75
N PRO B 40 7.37 6.67 -2.43
CA PRO B 40 7.40 6.19 -1.03
C PRO B 40 7.74 7.32 -0.03
N GLY B 41 6.94 7.45 1.01
CA GLY B 41 7.16 8.48 2.02
C GLY B 41 6.79 9.89 1.60
N GLN B 42 6.17 10.04 0.42
CA GLN B 42 5.77 11.37 -0.07
C GLN B 42 4.25 11.54 -0.17
N GLY B 43 3.81 12.78 -0.29
CA GLY B 43 2.41 13.05 -0.53
C GLY B 43 2.01 12.81 -1.97
N LEU B 44 0.71 12.79 -2.23
CA LEU B 44 0.19 12.66 -3.60
C LEU B 44 0.72 13.81 -4.45
N GLU B 45 1.09 13.49 -5.69
CA GLU B 45 1.64 14.49 -6.61
C GLU B 45 0.90 14.47 -7.93
N TRP B 46 0.29 15.59 -8.30
CA TRP B 46 -0.38 15.71 -9.59
C TRP B 46 0.61 15.83 -10.74
N MET B 47 0.41 15.03 -11.77
CA MET B 47 1.34 15.02 -12.88
CA MET B 47 1.31 14.93 -12.92
C MET B 47 0.80 15.78 -14.07
N GLY B 48 -0.47 15.55 -14.41
CA GLY B 48 -1.06 16.23 -15.55
C GLY B 48 -2.40 15.63 -15.88
N GLY B 49 -3.01 16.12 -16.94
CA GLY B 49 -4.24 15.51 -17.42
C GLY B 49 -4.46 15.80 -18.89
N ILE B 50 -5.45 15.11 -19.46
CA ILE B 50 -5.86 15.33 -20.86
C ILE B 50 -7.37 15.38 -20.92
N ILE B 51 -7.93 16.27 -21.74
CA ILE B 51 -9.38 16.27 -21.97
C ILE B 51 -9.55 15.60 -23.33
N PRO B 52 -9.96 14.33 -23.35
CA PRO B 52 -9.89 13.56 -24.60
C PRO B 52 -10.65 14.16 -25.79
N PHE B 53 -11.82 14.75 -25.54
CA PHE B 53 -12.66 15.33 -26.58
C PHE B 53 -11.93 16.39 -27.43
N PHE B 54 -11.03 17.14 -26.77
CA PHE B 54 -10.26 18.22 -27.42
C PHE B 54 -8.79 17.85 -27.63
N GLY B 55 -8.31 16.84 -26.92
CA GLY B 55 -6.89 16.49 -26.95
C GLY B 55 -6.01 17.38 -26.09
N THR B 56 -6.60 18.41 -25.49
CA THR B 56 -5.84 19.36 -24.68
C THR B 56 -5.18 18.74 -23.44
N THR B 57 -3.89 19.03 -23.27
CA THR B 57 -3.12 18.49 -22.16
C THR B 57 -2.59 19.60 -21.29
N ASN B 58 -2.60 19.34 -19.98
CA ASN B 58 -2.01 20.22 -18.97
C ASN B 58 -1.04 19.41 -18.16
N TYR B 59 0.17 19.93 -17.92
CA TYR B 59 1.22 19.20 -17.21
C TYR B 59 1.77 20.05 -16.08
N ALA B 60 2.12 19.41 -14.97
CA ALA B 60 2.82 20.13 -13.90
C ALA B 60 4.18 20.57 -14.44
N GLN B 61 4.64 21.73 -14.01
CA GLN B 61 5.88 22.31 -14.54
C GLN B 61 7.07 21.36 -14.39
N LYS B 62 7.11 20.66 -13.26
CA LYS B 62 8.14 19.68 -12.95
C LYS B 62 8.35 18.57 -14.02
N PHE B 63 7.33 18.31 -14.84
CA PHE B 63 7.37 17.19 -15.77
C PHE B 63 7.32 17.64 -17.21
N GLN B 64 7.15 18.95 -17.42
CA GLN B 64 7.07 19.47 -18.78
C GLN B 64 8.33 19.07 -19.56
N GLY B 65 8.12 18.53 -20.76
CA GLY B 65 9.24 18.05 -21.57
C GLY B 65 9.59 16.58 -21.42
N ARG B 66 9.17 15.91 -20.34
CA ARG B 66 9.42 14.47 -20.26
C ARG B 66 8.19 13.61 -19.98
N LEU B 67 7.04 14.26 -19.84
CA LEU B 67 5.78 13.57 -19.65
C LEU B 67 4.85 13.82 -20.84
N THR B 68 4.29 12.75 -21.39
CA THR B 68 3.30 12.85 -22.45
C THR B 68 2.08 12.06 -22.08
N ILE B 69 0.91 12.69 -22.14
CA ILE B 69 -0.34 12.00 -21.81
C ILE B 69 -1.15 11.87 -23.10
N THR B 70 -1.69 10.68 -23.34
CA THR B 70 -2.49 10.41 -24.54
C THR B 70 -3.88 9.90 -24.17
N ALA B 71 -4.90 10.25 -24.97
CA ALA B 71 -6.21 9.59 -24.85
C ALA B 71 -6.64 9.08 -26.21
N ASP B 72 -6.82 7.76 -26.36
CA ASP B 72 -7.26 7.16 -27.61
C ASP B 72 -8.75 6.85 -27.45
N GLY B 73 -9.60 7.76 -27.89
CA GLY B 73 -11.05 7.59 -27.76
C GLY B 73 -11.53 6.29 -28.37
N SER B 74 -10.97 5.92 -29.53
CA SER B 74 -11.39 4.73 -30.22
C SER B 74 -11.28 3.40 -29.43
N THR B 75 -10.47 3.41 -28.37
CA THR B 75 -10.32 2.20 -27.55
C THR B 75 -10.62 2.47 -26.07
N ASN B 76 -11.10 3.68 -25.78
CA ASN B 76 -11.34 4.14 -24.40
C ASN B 76 -10.14 3.95 -23.49
N THR B 77 -8.94 4.17 -24.03
CA THR B 77 -7.74 3.98 -23.24
C THR B 77 -6.90 5.25 -23.20
N ALA B 78 -6.39 5.56 -22.02
CA ALA B 78 -5.49 6.70 -21.83
C ALA B 78 -4.12 6.16 -21.45
N TYR B 79 -3.09 6.97 -21.63
CA TYR B 79 -1.71 6.53 -21.39
C TYR B 79 -0.90 7.66 -20.79
N MET B 80 0.10 7.26 -20.02
CA MET B 80 1.08 8.13 -19.44
CA MET B 80 1.09 8.19 -19.56
C MET B 80 2.48 7.64 -19.87
N GLN B 81 3.30 8.49 -20.48
CA GLN B 81 4.66 8.13 -20.80
C GLN B 81 5.58 9.11 -20.10
N LEU B 82 6.51 8.57 -19.33
CA LEU B 82 7.45 9.36 -18.54
C LEU B 82 8.86 8.94 -18.98
N ASP B 83 9.60 9.91 -19.52
CA ASP B 83 10.91 9.69 -20.12
C ASP B 83 12.04 10.02 -19.14
N SER B 84 13.25 9.62 -19.49
CA SER B 84 14.45 9.95 -18.71
C SER B 84 14.27 9.66 -17.21
N LEU B 85 13.90 8.42 -16.90
CA LEU B 85 13.49 8.07 -15.53
C LEU B 85 14.64 8.19 -14.53
N ARG B 86 14.31 8.66 -13.32
CA ARG B 86 15.27 8.71 -12.23
C ARG B 86 14.69 8.01 -11.01
N SER B 87 15.53 7.81 -9.99
CA SER B 87 15.09 7.08 -8.80
C SER B 87 13.88 7.74 -8.11
N GLU B 88 13.79 9.07 -8.19
CA GLU B 88 12.66 9.80 -7.61
C GLU B 88 11.33 9.48 -8.30
N ASP B 89 11.38 8.81 -9.45
CA ASP B 89 10.18 8.48 -10.20
C ASP B 89 9.60 7.14 -9.74
N THR B 90 10.31 6.43 -8.87
CA THR B 90 9.78 5.20 -8.28
C THR B 90 8.54 5.59 -7.49
N ALA B 91 7.39 5.03 -7.85
CA ALA B 91 6.12 5.49 -7.28
C ALA B 91 4.96 4.60 -7.72
N VAL B 92 3.81 4.75 -7.06
CA VAL B 92 2.58 4.20 -7.59
C VAL B 92 1.92 5.26 -8.46
N TYR B 93 1.59 4.90 -9.69
CA TYR B 93 0.99 5.80 -10.68
C TYR B 93 -0.48 5.50 -10.85
N TYR B 94 -1.35 6.49 -10.59
CA TYR B 94 -2.79 6.32 -10.74
C TYR B 94 -3.30 7.16 -11.89
N CYS B 95 -4.27 6.61 -12.63
CA CYS B 95 -5.13 7.45 -13.44
C CYS B 95 -6.46 7.63 -12.70
N ALA B 96 -7.15 8.72 -13.03
CA ALA B 96 -8.41 9.04 -12.33
C ALA B 96 -9.23 10.02 -13.16
N GLY B 97 -10.53 10.00 -12.94
CA GLY B 97 -11.38 10.96 -13.61
C GLY B 97 -12.64 11.14 -12.79
N PRO B 98 -13.54 12.03 -13.26
CA PRO B 98 -14.81 12.36 -12.59
C PRO B 98 -16.01 11.62 -13.18
N SER B 99 -17.03 11.39 -12.36
CA SER B 99 -18.28 10.76 -12.76
C SER B 99 -19.32 11.78 -13.23
N ILE B 100 -18.87 13.00 -13.50
CA ILE B 100 -19.72 14.13 -13.95
C ILE B 100 -20.58 13.87 -15.21
N THR B 101 -21.80 14.40 -15.21
CA THR B 101 -22.60 14.54 -16.43
C THR B 101 -23.17 15.96 -16.48
N GLU B 102 -23.59 16.41 -17.65
CA GLU B 102 -24.19 17.74 -17.79
C GLU B 102 -25.34 17.71 -18.78
N SER B 103 -26.29 18.63 -18.62
CA SER B 103 -27.37 18.75 -19.58
C SER B 103 -26.81 19.25 -20.92
N HIS B 104 -25.83 20.14 -20.84
CA HIS B 104 -25.20 20.70 -22.02
C HIS B 104 -23.67 20.75 -21.86
N TYR B 105 -22.99 19.97 -22.69
CA TYR B 105 -21.53 19.92 -22.68
C TYR B 105 -20.94 21.14 -23.39
N CYS B 106 -20.01 21.84 -22.75
CA CYS B 106 -19.43 23.03 -23.37
C CYS B 106 -18.45 22.67 -24.51
N LEU B 107 -18.62 23.31 -25.66
CA LEU B 107 -17.79 22.98 -26.83
C LEU B 107 -16.60 23.92 -27.03
N ASP B 108 -16.48 24.94 -26.17
CA ASP B 108 -15.48 25.98 -26.38
C ASP B 108 -15.01 26.62 -25.08
N CYS B 109 -14.99 25.83 -24.01
CA CYS B 109 -14.64 26.37 -22.69
C CYS B 109 -13.15 26.27 -22.39
N ALA B 110 -12.70 27.03 -21.39
CA ALA B 110 -11.34 26.93 -20.87
C ALA B 110 -11.06 25.50 -20.36
N ALA B 111 -9.82 25.05 -20.50
CA ALA B 111 -9.45 23.70 -20.09
C ALA B 111 -9.82 23.41 -18.63
N LYS B 112 -9.61 24.37 -17.74
CA LYS B 112 -9.94 24.19 -16.32
C LYS B 112 -11.40 23.81 -16.07
N ASP B 113 -12.30 24.16 -17.00
CA ASP B 113 -13.74 23.88 -16.82
C ASP B 113 -14.04 22.38 -16.93
N TYR B 114 -13.09 21.59 -17.41
CA TYR B 114 -13.32 20.16 -17.55
C TYR B 114 -12.58 19.34 -16.49
N TYR B 115 -11.93 20.04 -15.53
CA TYR B 115 -11.29 19.39 -14.39
C TYR B 115 -12.21 19.43 -13.17
N TYR B 116 -12.46 18.23 -12.62
CA TYR B 116 -13.36 18.07 -11.47
C TYR B 116 -12.74 17.20 -10.39
N GLY B 117 -13.38 17.18 -9.21
CA GLY B 117 -13.02 16.22 -8.15
C GLY B 117 -12.96 14.82 -8.71
N LEU B 118 -11.95 14.05 -8.31
CA LEU B 118 -11.68 12.73 -8.92
C LEU B 118 -12.28 11.59 -8.09
N ASP B 119 -13.42 11.03 -8.55
CA ASP B 119 -14.09 9.95 -7.81
C ASP B 119 -14.06 8.60 -8.51
N VAL B 120 -13.37 8.54 -9.66
CA VAL B 120 -13.12 7.27 -10.34
C VAL B 120 -11.62 7.06 -10.47
N TRP B 121 -11.12 5.98 -9.87
CA TRP B 121 -9.67 5.74 -9.84
C TRP B 121 -9.31 4.36 -10.40
N GLY B 122 -8.18 4.33 -11.11
CA GLY B 122 -7.51 3.08 -11.38
C GLY B 122 -6.95 2.44 -10.12
N GLN B 123 -6.49 1.20 -10.23
CA GLN B 123 -6.01 0.43 -9.08
C GLN B 123 -4.55 0.78 -8.75
N GLY B 124 -3.91 1.51 -9.66
CA GLY B 124 -2.53 1.95 -9.45
C GLY B 124 -1.53 0.97 -10.07
N THR B 125 -0.43 1.53 -10.58
CA THR B 125 0.64 0.73 -11.19
C THR B 125 1.95 1.08 -10.48
N THR B 126 2.57 0.07 -9.89
CA THR B 126 3.85 0.24 -9.22
C THR B 126 4.99 0.21 -10.23
N VAL B 127 5.74 1.30 -10.30
CA VAL B 127 6.90 1.44 -11.19
C VAL B 127 8.14 1.63 -10.33
N THR B 128 9.13 0.77 -10.53
CA THR B 128 10.36 0.90 -9.77
C THR B 128 11.49 1.23 -10.74
N VAL B 129 12.25 2.28 -10.43
CA VAL B 129 13.41 2.67 -11.24
C VAL B 129 14.64 2.28 -10.46
N SER B 130 15.47 1.43 -11.07
CA SER B 130 16.63 0.87 -10.36
C SER B 130 17.62 0.26 -11.33
N SER B 131 18.89 0.26 -10.95
CA SER B 131 19.90 -0.40 -11.76
CA SER B 131 19.91 -0.41 -11.76
C SER B 131 20.08 -1.84 -11.29
N ALA B 132 19.42 -2.20 -10.20
CA ALA B 132 19.54 -3.54 -9.65
C ALA B 132 18.85 -4.60 -10.52
N SER B 133 19.33 -5.84 -10.42
CA SER B 133 18.76 -6.93 -11.20
C SER B 133 17.37 -7.33 -10.70
N THR B 134 16.45 -7.53 -11.62
CA THR B 134 15.17 -8.15 -11.30
C THR B 134 15.39 -9.60 -10.88
N LYS B 135 14.69 -10.05 -9.83
CA LYS B 135 14.90 -11.40 -9.32
C LYS B 135 13.60 -11.97 -8.72
N GLY B 136 13.18 -13.13 -9.19
CA GLY B 136 12.01 -13.78 -8.62
C GLY B 136 12.28 -14.48 -7.29
N PRO B 137 11.21 -14.82 -6.58
CA PRO B 137 11.37 -15.39 -5.24
C PRO B 137 11.63 -16.89 -5.20
N SER B 138 12.21 -17.32 -4.09
CA SER B 138 12.25 -18.71 -3.69
C SER B 138 11.07 -18.85 -2.72
N VAL B 139 10.32 -19.94 -2.79
CA VAL B 139 9.17 -20.13 -1.90
C VAL B 139 9.34 -21.40 -1.09
N PHE B 140 9.17 -21.27 0.23
CA PHE B 140 9.31 -22.41 1.13
C PHE B 140 8.02 -22.57 1.94
N PRO B 141 7.60 -23.82 2.18
CA PRO B 141 6.44 -24.07 3.04
C PRO B 141 6.76 -23.80 4.52
N LEU B 142 5.80 -23.23 5.24
CA LEU B 142 5.87 -23.08 6.69
C LEU B 142 4.84 -24.02 7.30
N ALA B 143 5.32 -25.18 7.75
CA ALA B 143 4.46 -26.27 8.18
C ALA B 143 3.66 -25.90 9.41
N PRO B 144 2.43 -26.40 9.52
CA PRO B 144 1.66 -26.15 10.74
C PRO B 144 2.33 -26.77 11.96
N SER B 145 2.34 -26.04 13.08
CA SER B 145 2.93 -26.55 14.32
C SER B 145 2.25 -27.83 14.79
N GLY B 152 -9.26 -24.45 18.94
CA GLY B 152 -7.98 -25.07 18.65
C GLY B 152 -7.55 -24.85 17.21
N THR B 153 -6.77 -23.80 16.98
CA THR B 153 -6.35 -23.43 15.63
C THR B 153 -4.88 -23.72 15.37
N ALA B 154 -4.50 -23.74 14.10
CA ALA B 154 -3.10 -23.89 13.69
C ALA B 154 -2.75 -22.82 12.67
N ALA B 155 -1.47 -22.46 12.64
CA ALA B 155 -0.99 -21.53 11.64
C ALA B 155 -0.06 -22.25 10.69
N LEU B 156 -0.28 -22.05 9.39
CA LEU B 156 0.62 -22.56 8.34
C LEU B 156 0.80 -21.44 7.33
N GLY B 157 1.84 -21.56 6.50
CA GLY B 157 2.05 -20.51 5.54
C GLY B 157 3.11 -20.76 4.48
N CYS B 158 3.49 -19.69 3.80
CA CYS B 158 4.53 -19.73 2.78
C CYS B 158 5.48 -18.57 3.01
N LEU B 159 6.77 -18.90 2.94
CA LEU B 159 7.84 -17.90 3.04
C LEU B 159 8.31 -17.55 1.63
N VAL B 160 8.20 -16.28 1.26
CA VAL B 160 8.50 -15.82 -0.11
C VAL B 160 9.78 -15.01 0.01
N LYS B 161 10.89 -15.63 -0.39
CA LYS B 161 12.21 -15.10 -0.02
C LYS B 161 12.97 -14.51 -1.20
N ASP B 162 13.64 -13.40 -0.93
CA ASP B 162 14.69 -12.90 -1.83
C ASP B 162 14.25 -12.51 -3.24
N TYR B 163 13.28 -11.60 -3.32
CA TYR B 163 12.84 -11.12 -4.62
C TYR B 163 13.08 -9.60 -4.79
N PHE B 164 13.09 -9.14 -6.03
CA PHE B 164 13.19 -7.70 -6.31
C PHE B 164 12.64 -7.41 -7.71
N PRO B 165 11.89 -6.32 -7.89
CA PRO B 165 11.43 -5.37 -6.87
C PRO B 165 10.09 -5.83 -6.33
N GLU B 166 9.49 -5.01 -5.50
CA GLU B 166 8.07 -5.14 -5.23
C GLU B 166 7.30 -4.99 -6.56
N PRO B 167 6.08 -5.54 -6.64
CA PRO B 167 5.27 -6.26 -5.66
C PRO B 167 5.21 -7.78 -5.89
N VAL B 168 4.79 -8.49 -4.85
CA VAL B 168 4.40 -9.90 -4.93
C VAL B 168 2.94 -10.00 -4.51
N THR B 169 2.18 -10.91 -5.13
CA THR B 169 0.86 -11.29 -4.60
C THR B 169 0.85 -12.76 -4.16
N VAL B 170 -0.01 -13.08 -3.18
CA VAL B 170 -0.16 -14.46 -2.71
C VAL B 170 -1.62 -14.82 -2.61
N SER B 171 -2.03 -15.92 -3.25
CA SER B 171 -3.36 -16.47 -2.99
C SER B 171 -3.19 -17.88 -2.42
N TRP B 172 -4.30 -18.43 -1.93
CA TRP B 172 -4.32 -19.79 -1.40
C TRP B 172 -5.38 -20.60 -2.13
N ASN B 173 -5.00 -21.79 -2.58
CA ASN B 173 -5.88 -22.67 -3.35
C ASN B 173 -6.56 -21.94 -4.51
N SER B 174 -5.74 -21.17 -5.23
CA SER B 174 -6.19 -20.46 -6.42
C SER B 174 -7.30 -19.46 -6.11
N GLY B 175 -7.33 -18.98 -4.86
CA GLY B 175 -8.35 -18.03 -4.47
C GLY B 175 -9.53 -18.60 -3.72
N ALA B 176 -9.65 -19.92 -3.69
CA ALA B 176 -10.77 -20.55 -3.00
C ALA B 176 -10.68 -20.38 -1.49
N LEU B 177 -9.46 -20.19 -0.98
CA LEU B 177 -9.30 -20.04 0.46
C LEU B 177 -8.97 -18.59 0.80
N THR B 178 -9.86 -17.93 1.54
CA THR B 178 -9.66 -16.53 1.85
C THR B 178 -9.80 -16.26 3.35
N SER B 179 -10.68 -16.99 4.02
CA SER B 179 -10.88 -16.77 5.44
C SER B 179 -9.63 -17.16 6.19
N GLY B 180 -9.20 -16.31 7.12
CA GLY B 180 -8.07 -16.62 7.96
C GLY B 180 -6.73 -16.34 7.32
N VAL B 181 -6.73 -15.71 6.14
CA VAL B 181 -5.47 -15.45 5.43
C VAL B 181 -4.88 -14.09 5.85
N HIS B 182 -3.61 -14.09 6.22
CA HIS B 182 -2.91 -12.85 6.55
C HIS B 182 -1.57 -12.86 5.83
N THR B 183 -1.46 -12.03 4.79
CA THR B 183 -0.21 -11.83 4.10
C THR B 183 0.45 -10.56 4.68
N PHE B 184 1.69 -10.71 5.14
CA PHE B 184 2.36 -9.62 5.86
C PHE B 184 3.15 -8.74 4.89
N PRO B 185 3.29 -7.45 5.22
CA PRO B 185 4.17 -6.55 4.46
C PRO B 185 5.58 -7.09 4.40
N ALA B 186 6.27 -6.83 3.31
CA ALA B 186 7.58 -7.38 3.13
C ALA B 186 8.63 -6.64 3.95
N VAL B 187 9.70 -7.35 4.26
CA VAL B 187 10.88 -6.70 4.82
C VAL B 187 11.90 -6.44 3.69
N LEU B 188 12.54 -5.27 3.71
CA LEU B 188 13.65 -5.00 2.81
C LEU B 188 14.92 -5.38 3.57
N GLN B 189 15.55 -6.45 3.12
CA GLN B 189 16.69 -7.03 3.82
C GLN B 189 17.97 -6.26 3.51
N SER B 190 18.99 -6.53 4.32
CA SER B 190 20.32 -5.94 4.15
C SER B 190 20.96 -6.25 2.79
N SER B 191 20.46 -7.29 2.13
CA SER B 191 20.93 -7.64 0.77
C SER B 191 20.34 -6.77 -0.32
N GLY B 192 19.30 -6.01 0.00
CA GLY B 192 18.60 -5.19 -0.98
C GLY B 192 17.45 -5.94 -1.64
N LEU B 193 17.26 -7.17 -1.22
CA LEU B 193 16.12 -7.99 -1.68
C LEU B 193 15.02 -8.02 -0.64
N TYR B 194 13.80 -8.27 -1.10
CA TYR B 194 12.64 -8.37 -0.23
C TYR B 194 12.31 -9.80 0.17
N SER B 195 11.65 -9.94 1.33
CA SER B 195 11.04 -11.21 1.74
CA SER B 195 11.05 -11.20 1.73
C SER B 195 9.73 -10.93 2.44
N LEU B 196 8.76 -11.80 2.22
CA LEU B 196 7.51 -11.71 2.98
C LEU B 196 6.99 -13.11 3.35
N SER B 197 5.98 -13.16 4.21
CA SER B 197 5.29 -14.41 4.49
C SER B 197 3.80 -14.19 4.38
N SER B 198 3.10 -15.26 3.99
CA SER B 198 1.66 -15.30 4.04
C SER B 198 1.26 -16.47 4.95
N VAL B 199 0.37 -16.25 5.90
CA VAL B 199 -0.05 -17.29 6.82
C VAL B 199 -1.57 -17.49 6.80
N VAL B 200 -2.00 -18.73 6.97
CA VAL B 200 -3.43 -19.02 7.08
C VAL B 200 -3.66 -19.66 8.43
N THR B 201 -4.68 -19.17 9.15
CA THR B 201 -5.02 -19.74 10.44
C THR B 201 -6.16 -20.70 10.17
N VAL B 202 -6.04 -21.95 10.58
CA VAL B 202 -7.02 -22.97 10.20
C VAL B 202 -7.39 -23.77 11.43
N PRO B 203 -8.57 -24.42 11.40
CA PRO B 203 -8.84 -25.30 12.54
C PRO B 203 -7.79 -26.42 12.53
N SER B 204 -7.22 -26.70 13.69
CA SER B 204 -6.19 -27.72 13.80
C SER B 204 -6.75 -29.08 13.44
N SER B 205 -8.04 -29.28 13.74
CA SER B 205 -8.70 -30.56 13.50
C SER B 205 -8.72 -31.00 12.02
N SER B 206 -8.67 -30.04 11.10
CA SER B 206 -8.79 -30.36 9.67
C SER B 206 -7.46 -30.48 8.93
N LEU B 207 -6.36 -30.50 9.68
CA LEU B 207 -5.02 -30.64 9.10
C LEU B 207 -4.85 -31.96 8.35
N GLY B 208 -5.50 -33.01 8.84
CA GLY B 208 -5.34 -34.33 8.26
C GLY B 208 -5.86 -34.52 6.85
N THR B 209 -6.92 -33.80 6.49
CA THR B 209 -7.59 -34.05 5.22
C THR B 209 -7.45 -32.90 4.23
N GLN B 210 -7.54 -31.67 4.73
CA GLN B 210 -7.60 -30.51 3.86
C GLN B 210 -6.25 -30.14 3.27
N THR B 211 -6.28 -29.62 2.05
CA THR B 211 -5.07 -29.30 1.29
C THR B 211 -4.85 -27.81 1.23
N TYR B 212 -3.59 -27.42 1.35
CA TYR B 212 -3.25 -26.01 1.35
C TYR B 212 -2.09 -25.80 0.38
N ILE B 213 -2.35 -25.03 -0.68
CA ILE B 213 -1.34 -24.67 -1.67
C ILE B 213 -1.28 -23.15 -1.79
N CYS B 214 -0.11 -22.55 -1.58
CA CYS B 214 0.01 -21.11 -1.81
C CYS B 214 0.42 -20.82 -3.25
N ASN B 215 -0.17 -19.77 -3.83
CA ASN B 215 0.09 -19.39 -5.21
C ASN B 215 0.74 -18.01 -5.21
N VAL B 216 2.03 -17.96 -5.56
CA VAL B 216 2.79 -16.73 -5.47
C VAL B 216 3.07 -16.21 -6.85
N ASN B 217 2.81 -14.93 -7.05
CA ASN B 217 3.03 -14.29 -8.36
C ASN B 217 3.97 -13.11 -8.22
N HIS B 218 5.03 -13.10 -9.01
CA HIS B 218 5.93 -11.97 -9.07
C HIS B 218 6.04 -11.47 -10.52
N LYS B 219 5.18 -10.53 -10.88
CA LYS B 219 5.10 -10.03 -12.26
C LYS B 219 6.38 -9.46 -12.88
N PRO B 220 7.15 -8.65 -12.13
CA PRO B 220 8.36 -8.07 -12.71
C PRO B 220 9.36 -9.09 -13.22
N SER B 221 9.37 -10.30 -12.64
CA SER B 221 10.28 -11.35 -13.10
C SER B 221 9.57 -12.43 -13.93
N ASN B 222 8.27 -12.26 -14.12
CA ASN B 222 7.45 -13.24 -14.83
C ASN B 222 7.56 -14.63 -14.24
N THR B 223 7.45 -14.67 -12.91
CA THR B 223 7.58 -15.90 -12.11
CA THR B 223 7.53 -15.94 -12.20
C THR B 223 6.29 -16.18 -11.34
N LYS B 224 5.90 -17.45 -11.30
CA LYS B 224 4.77 -17.91 -10.47
C LYS B 224 5.22 -19.17 -9.75
N VAL B 225 4.85 -19.32 -8.49
CA VAL B 225 5.24 -20.50 -7.73
C VAL B 225 4.01 -21.05 -7.00
N ASP B 226 3.77 -22.36 -7.11
CA ASP B 226 2.75 -23.03 -6.31
C ASP B 226 3.52 -23.90 -5.32
N LYS B 227 3.17 -23.84 -4.04
CA LYS B 227 3.82 -24.69 -3.05
C LYS B 227 2.79 -25.33 -2.15
N LYS B 228 2.78 -26.65 -2.08
CA LYS B 228 1.90 -27.40 -1.17
C LYS B 228 2.48 -27.30 0.23
N VAL B 229 1.62 -27.05 1.22
CA VAL B 229 2.07 -26.87 2.60
C VAL B 229 1.47 -27.99 3.45
N GLU B 230 2.32 -28.88 3.91
CA GLU B 230 1.85 -30.05 4.65
C GLU B 230 2.49 -30.10 6.04
N PRO B 231 1.86 -30.83 6.99
CA PRO B 231 2.52 -30.98 8.30
C PRO B 231 3.83 -31.76 8.19
N LYS B 232 4.80 -31.44 9.02
CA LYS B 232 6.13 -32.05 8.95
C LYS B 232 6.17 -33.48 9.51
N SER B 233 6.65 -34.43 8.71
CA SER B 233 6.74 -35.83 9.14
C SER B 233 7.95 -36.07 10.04
N CYS B 234 7.74 -36.83 11.10
CA CYS B 234 8.80 -37.11 12.07
C CYS B 234 9.80 -38.13 11.55
N HIS B 235 9.29 -39.22 11.01
CA HIS B 235 10.11 -40.38 10.65
C HIS B 235 10.61 -40.34 9.21
N HIS B 236 10.07 -39.42 8.41
CA HIS B 236 10.37 -39.39 6.99
C HIS B 236 10.99 -38.06 6.56
N HIS B 237 12.30 -38.06 6.32
CA HIS B 237 12.99 -36.90 5.81
C HIS B 237 13.32 -37.08 4.31
N HIS B 238 12.53 -36.43 3.46
CA HIS B 238 12.63 -36.58 2.02
C HIS B 238 13.69 -35.68 1.37
N HIS B 239 14.37 -36.21 0.35
CA HIS B 239 15.25 -35.39 -0.49
C HIS B 239 15.12 -35.75 -1.97
N HIS B 240 15.55 -34.83 -2.85
CA HIS B 240 15.49 -35.07 -4.29
C HIS B 240 16.87 -35.19 -4.96
#